data_7UN7
#
_entry.id   7UN7
#
_cell.length_a   56.135
_cell.length_b   62.774
_cell.length_c   140.193
_cell.angle_alpha   90.000
_cell.angle_beta   90.000
_cell.angle_gamma   90.000
#
_symmetry.space_group_name_H-M   'P 21 21 21'
#
loop_
_entity.id
_entity.type
_entity.pdbx_description
1 polymer 'DNA polymerase lambda'
2 polymer "DNA (5'-D(*CP*GP*GP*CP*AP*GP*T)-3')"
3 polymer "DNA (5'-D(*TP*AP*CP*TP*G)-3')"
4 polymer "DNA (5'-D(*CP*AP*GP*TP*AP*C)-3')"
5 polymer "DNA (5'-D(P*GP*CP*CP*G)-3')"
6 non-polymer "THYMIDINE-5'-TRIPHOSPHATE"
7 non-polymer GLYCEROL
8 non-polymer 'SODIUM ION'
9 non-polymer 'CALCIUM ION'
10 non-polymer 1,2-ETHANEDIOL
11 water water
#
loop_
_entity_poly.entity_id
_entity_poly.type
_entity_poly.pdbx_seq_one_letter_code
_entity_poly.pdbx_strand_id
1 'polypeptide(L)'
;AQPSSQKATNHNLHITEKLEVLAKAYSVQGDKWRALGYAKAINALKSFHKPVTSYQEACSIPGIGKRMAEKIIEILESGH
LRKLDHISESVPVLELFSNIWGAGTKTAQMWYQQGFRSLEDIRSQASLTTQQAIGLKHYSDFLERMPREEATEIEQTVQK
AAQAFNSGLLCVACGSYRRGKATCGDVDVLITHPDGRSHRGIFSRLLDSLRQEGFLTDDLVKGETKYLGVCRLPGPGRRH
RRLDIIVVPYSEFACALLYFTGSAHFNRSMRALAKTKGMSLSEHALSTAVVRNTHGAKVGPGRVLPTPTEKDVFRLLGLP
YREPAERDW
;
A
2 'polydeoxyribonucleotide' (DC)(DG)(DG)(DC)(DA)(DG)(DT) T
3 'polydeoxyribonucleotide' (DT)(DA)(DC)(DT)(DG) U
4 'polydeoxyribonucleotide' (DC)(DA)(DG)(DT)(DA)(DC) P
5 'polydeoxyribonucleotide' (DG)(DC)(DC)(DG) D
#
# COMPACT_ATOMS: atom_id res chain seq x y z
N HIS A 11 11.83 -0.52 -21.18
CA HIS A 11 13.09 0.23 -21.09
C HIS A 11 14.23 -0.75 -20.89
N ASN A 12 14.30 -1.35 -19.71
CA ASN A 12 15.22 -2.44 -19.40
C ASN A 12 14.43 -3.69 -19.02
N LEU A 13 13.30 -3.91 -19.70
CA LEU A 13 12.43 -5.04 -19.37
C LEU A 13 13.12 -6.37 -19.59
N HIS A 14 14.14 -6.43 -20.45
CA HIS A 14 14.92 -7.65 -20.60
C HIS A 14 15.43 -8.15 -19.25
N ILE A 15 15.66 -7.23 -18.31
CA ILE A 15 16.15 -7.58 -16.99
C ILE A 15 15.01 -7.64 -15.98
N THR A 16 14.24 -6.56 -15.88
CA THR A 16 13.24 -6.45 -14.83
C THR A 16 12.33 -7.67 -14.77
N GLU A 17 11.86 -8.13 -15.93
CA GLU A 17 10.97 -9.29 -15.96
C GLU A 17 11.55 -10.44 -15.15
N LYS A 18 12.82 -10.79 -15.41
CA LYS A 18 13.45 -11.88 -14.68
C LYS A 18 13.70 -11.50 -13.23
N LEU A 19 14.02 -10.24 -12.97
CA LEU A 19 14.31 -9.80 -11.61
C LEU A 19 13.04 -9.80 -10.75
N GLU A 20 11.91 -9.39 -11.33
CA GLU A 20 10.66 -9.36 -10.59
C GLU A 20 10.28 -10.74 -10.09
N VAL A 21 10.59 -11.79 -10.86
CA VAL A 21 10.28 -13.15 -10.43
C VAL A 21 11.05 -13.50 -9.16
N LEU A 22 12.35 -13.20 -9.15
CA LEU A 22 13.16 -13.47 -7.97
C LEU A 22 12.71 -12.59 -6.80
N ALA A 23 12.33 -11.35 -7.08
CA ALA A 23 11.89 -10.45 -6.01
C ALA A 23 10.64 -11.01 -5.33
N LYS A 24 9.65 -11.42 -6.12
CA LYS A 24 8.45 -12.02 -5.54
C LYS A 24 8.78 -13.31 -4.82
N ALA A 25 9.70 -14.11 -5.37
CA ALA A 25 10.13 -15.33 -4.69
C ALA A 25 10.64 -15.03 -3.29
N TYR A 26 11.39 -13.94 -3.14
CA TYR A 26 11.90 -13.58 -1.83
C TYR A 26 10.78 -13.07 -0.92
N SER A 27 9.90 -12.23 -1.46
CA SER A 27 8.83 -11.66 -0.64
C SER A 27 7.92 -12.74 -0.08
N VAL A 28 7.41 -13.63 -0.94
CA VAL A 28 6.50 -14.67 -0.48
C VAL A 28 7.21 -15.60 0.50
N GLN A 29 8.53 -15.77 0.36
CA GLN A 29 9.28 -16.64 1.25
C GLN A 29 9.67 -15.95 2.55
N GLY A 30 9.46 -14.64 2.67
CA GLY A 30 9.69 -13.93 3.90
C GLY A 30 11.00 -13.19 4.01
N ASP A 31 11.79 -13.11 2.93
CA ASP A 31 13.03 -12.36 2.94
C ASP A 31 12.72 -10.94 2.49
N LYS A 32 12.18 -10.15 3.43
CA LYS A 32 11.62 -8.85 3.07
C LYS A 32 12.70 -7.89 2.59
N TRP A 33 13.80 -7.78 3.34
CA TRP A 33 14.80 -6.77 3.01
C TRP A 33 15.46 -7.06 1.67
N ARG A 34 15.85 -8.31 1.43
CA ARG A 34 16.39 -8.66 0.12
C ARG A 34 15.36 -8.41 -0.97
N ALA A 35 14.10 -8.78 -0.72
CA ALA A 35 13.03 -8.44 -1.65
C ALA A 35 12.93 -6.93 -1.83
N LEU A 36 13.08 -6.18 -0.73
CA LEU A 36 13.07 -4.72 -0.84
C LEU A 36 14.21 -4.22 -1.71
N GLY A 37 15.39 -4.83 -1.57
CA GLY A 37 16.52 -4.44 -2.41
C GLY A 37 16.24 -4.70 -3.88
N TYR A 38 15.74 -5.89 -4.20
CA TYR A 38 15.36 -6.18 -5.58
C TYR A 38 14.32 -5.19 -6.07
N ALA A 39 13.35 -4.83 -5.22
CA ALA A 39 12.32 -3.89 -5.60
C ALA A 39 12.93 -2.55 -6.00
N LYS A 40 13.77 -1.99 -5.13
CA LYS A 40 14.36 -0.68 -5.41
C LYS A 40 15.19 -0.71 -6.69
N ALA A 41 15.94 -1.80 -6.91
CA ALA A 41 16.71 -1.93 -8.14
C ALA A 41 15.78 -1.98 -9.35
N ILE A 42 14.71 -2.77 -9.26
CA ILE A 42 13.76 -2.86 -10.36
C ILE A 42 13.26 -1.46 -10.74
N ASN A 43 12.83 -0.69 -9.74
CA ASN A 43 12.35 0.66 -9.99
C ASN A 43 13.42 1.51 -10.68
N ALA A 44 14.64 1.48 -10.13
CA ALA A 44 15.74 2.24 -10.74
C ALA A 44 15.92 1.85 -12.20
N LEU A 45 15.98 0.55 -12.48
CA LEU A 45 16.10 0.09 -13.87
C LEU A 45 14.94 0.57 -14.73
N LYS A 46 13.83 0.98 -14.11
CA LYS A 46 12.73 1.60 -14.84
C LYS A 46 12.90 3.10 -14.99
N SER A 47 13.76 3.72 -14.19
CA SER A 47 14.04 5.15 -14.29
C SER A 47 15.18 5.46 -15.24
N PHE A 48 15.87 4.44 -15.75
CA PHE A 48 16.92 4.66 -16.73
C PHE A 48 16.33 4.80 -18.12
N HIS A 49 17.06 5.51 -18.98
CA HIS A 49 16.63 5.76 -20.35
C HIS A 49 17.39 4.91 -21.37
N LYS A 50 18.66 4.62 -21.11
CA LYS A 50 19.50 3.87 -22.02
C LYS A 50 19.64 2.44 -21.53
N PRO A 51 19.40 1.43 -22.36
CA PRO A 51 19.63 0.04 -21.92
C PRO A 51 21.02 -0.14 -21.34
N VAL A 52 21.07 -0.72 -20.12
CA VAL A 52 22.35 -0.98 -19.48
C VAL A 52 23.22 -1.80 -20.41
N THR A 53 24.45 -1.33 -20.63
CA THR A 53 25.35 -1.95 -21.60
C THR A 53 26.61 -2.53 -20.99
N SER A 54 27.04 -2.05 -19.81
CA SER A 54 28.24 -2.53 -19.17
C SER A 54 27.96 -2.84 -17.70
N TYR A 55 28.74 -3.76 -17.14
CA TYR A 55 28.61 -4.05 -15.71
C TYR A 55 28.84 -2.80 -14.88
N GLN A 56 29.77 -1.94 -15.31
CA GLN A 56 30.02 -0.69 -14.62
C GLN A 56 28.94 0.36 -14.91
N GLU A 57 28.20 0.22 -16.01
CA GLU A 57 27.03 1.06 -16.23
C GLU A 57 25.99 0.82 -15.14
N ALA A 58 25.75 -0.45 -14.80
CA ALA A 58 24.83 -0.77 -13.72
C ALA A 58 25.34 -0.22 -12.39
N CYS A 59 26.61 -0.47 -12.09
CA CYS A 59 27.20 0.04 -10.85
C CYS A 59 27.01 1.55 -10.72
N SER A 60 26.81 2.26 -11.82
CA SER A 60 26.55 3.69 -11.75
C SER A 60 25.13 3.97 -11.29
N ILE A 61 24.20 3.04 -11.52
CA ILE A 61 22.79 3.28 -11.18
C ILE A 61 22.61 3.21 -9.67
N PRO A 62 21.91 4.17 -9.05
CA PRO A 62 21.67 4.07 -7.60
C PRO A 62 20.72 2.92 -7.30
N GLY A 63 21.00 2.21 -6.22
CA GLY A 63 20.23 1.03 -5.88
C GLY A 63 20.63 -0.23 -6.62
N ILE A 64 21.72 -0.18 -7.38
CA ILE A 64 22.26 -1.35 -8.07
C ILE A 64 23.71 -1.51 -7.61
N GLY A 65 24.03 -2.69 -7.07
CA GLY A 65 25.36 -2.96 -6.56
C GLY A 65 26.09 -4.03 -7.34
N LYS A 66 27.14 -4.59 -6.72
CA LYS A 66 27.94 -5.60 -7.41
C LYS A 66 27.12 -6.84 -7.72
N ARG A 67 26.46 -7.40 -6.71
CA ARG A 67 25.63 -8.58 -6.94
C ARG A 67 24.59 -8.32 -8.01
N MET A 68 23.84 -7.22 -7.87
CA MET A 68 22.82 -6.90 -8.86
C MET A 68 23.45 -6.56 -10.21
N ALA A 69 24.58 -5.84 -10.21
CA ALA A 69 25.25 -5.55 -11.46
C ALA A 69 25.68 -6.84 -12.15
N GLU A 70 26.29 -7.76 -11.39
CA GLU A 70 26.75 -9.01 -11.98
C GLU A 70 25.59 -9.79 -12.59
N LYS A 71 24.49 -9.94 -11.84
CA LYS A 71 23.34 -10.65 -12.36
C LYS A 71 22.85 -10.04 -13.67
N ILE A 72 22.76 -8.71 -13.72
CA ILE A 72 22.33 -8.06 -14.95
C ILE A 72 23.32 -8.31 -16.07
N ILE A 73 24.61 -8.39 -15.74
CA ILE A 73 25.62 -8.75 -16.74
C ILE A 73 25.36 -10.15 -17.26
N GLU A 74 25.09 -11.09 -16.36
CA GLU A 74 24.75 -12.45 -16.78
C GLU A 74 23.55 -12.45 -17.73
N ILE A 75 22.61 -11.53 -17.54
CA ILE A 75 21.41 -11.54 -18.38
C ILE A 75 21.74 -11.06 -19.79
N LEU A 76 22.66 -10.10 -19.92
CA LEU A 76 22.97 -9.55 -21.23
C LEU A 76 23.72 -10.54 -22.10
N GLU A 77 24.89 -10.99 -21.63
CA GLU A 77 25.70 -11.92 -22.41
C GLU A 77 25.07 -13.30 -22.46
N SER A 78 24.70 -13.85 -21.29
CA SER A 78 24.19 -15.21 -21.23
C SER A 78 22.77 -15.32 -21.75
N GLY A 79 21.99 -14.25 -21.68
CA GLY A 79 20.63 -14.24 -22.16
C GLY A 79 19.58 -14.64 -21.14
N HIS A 80 19.99 -15.12 -19.97
CA HIS A 80 19.03 -15.52 -18.94
C HIS A 80 19.72 -15.51 -17.59
N LEU A 81 18.91 -15.60 -16.54
CA LEU A 81 19.39 -15.64 -15.16
C LEU A 81 19.31 -17.07 -14.65
N ARG A 82 20.45 -17.61 -14.23
CA ARG A 82 20.50 -19.00 -13.79
C ARG A 82 19.72 -19.20 -12.50
N LYS A 83 19.77 -18.23 -11.59
CA LYS A 83 19.11 -18.39 -10.29
C LYS A 83 17.62 -18.66 -10.44
N LEU A 84 17.01 -18.16 -11.53
CA LEU A 84 15.59 -18.38 -11.73
C LEU A 84 15.23 -19.86 -11.78
N ASP A 85 16.18 -20.73 -12.08
CA ASP A 85 15.93 -22.15 -12.23
C ASP A 85 16.06 -22.93 -10.92
N HIS A 86 16.46 -22.28 -9.83
CA HIS A 86 16.55 -22.91 -8.52
C HIS A 86 15.54 -22.34 -7.54
N ILE A 87 14.60 -21.52 -8.01
CA ILE A 87 13.51 -21.06 -7.16
C ILE A 87 12.76 -22.27 -6.64
N SER A 88 12.43 -22.25 -5.35
CA SER A 88 11.75 -23.39 -4.74
C SER A 88 10.42 -23.65 -5.44
N GLU A 89 10.03 -24.92 -5.48
CA GLU A 89 8.76 -25.32 -6.03
C GLU A 89 7.58 -24.80 -5.22
N SER A 90 7.82 -24.32 -4.00
CA SER A 90 6.75 -23.86 -3.13
C SER A 90 6.28 -22.44 -3.44
N VAL A 91 7.07 -21.65 -4.17
CA VAL A 91 6.77 -20.23 -4.33
C VAL A 91 5.41 -20.00 -4.97
N PRO A 92 5.04 -20.69 -6.05
CA PRO A 92 3.70 -20.46 -6.61
C PRO A 92 2.58 -20.71 -5.61
N VAL A 93 2.72 -21.75 -4.79
CA VAL A 93 1.71 -22.02 -3.77
C VAL A 93 1.72 -20.93 -2.70
N LEU A 94 2.90 -20.51 -2.26
CA LEU A 94 2.99 -19.48 -1.24
C LEU A 94 2.37 -18.17 -1.75
N GLU A 95 2.57 -17.86 -3.03
CA GLU A 95 1.93 -16.69 -3.62
C GLU A 95 0.42 -16.84 -3.64
N LEU A 96 -0.06 -18.02 -4.05
CA LEU A 96 -1.50 -18.29 -4.04
C LEU A 96 -2.08 -18.03 -2.65
N PHE A 97 -1.47 -18.61 -1.63
CA PHE A 97 -1.99 -18.47 -0.27
C PHE A 97 -1.89 -17.02 0.21
N SER A 98 -0.72 -16.39 -0.01
CA SER A 98 -0.51 -15.03 0.47
C SER A 98 -1.42 -14.03 -0.21
N ASN A 99 -2.02 -14.38 -1.35
CA ASN A 99 -2.98 -13.50 -1.99
C ASN A 99 -4.35 -13.55 -1.33
N ILE A 100 -4.50 -14.29 -0.24
CA ILE A 100 -5.70 -14.21 0.59
C ILE A 100 -5.54 -13.03 1.53
N TRP A 101 -6.49 -12.10 1.51
CA TRP A 101 -6.44 -10.96 2.41
C TRP A 101 -6.50 -11.45 3.86
N GLY A 102 -5.55 -11.00 4.68
CA GLY A 102 -5.41 -11.46 6.04
C GLY A 102 -4.39 -12.55 6.23
N ALA A 103 -3.87 -13.13 5.14
CA ALA A 103 -2.88 -14.18 5.19
C ALA A 103 -1.57 -13.66 4.63
N GLY A 104 -0.51 -13.71 5.42
CA GLY A 104 0.80 -13.28 5.02
C GLY A 104 1.75 -14.44 4.79
N THR A 105 3.04 -14.11 4.72
CA THR A 105 4.05 -15.14 4.51
CA THR A 105 4.07 -15.12 4.52
C THR A 105 4.01 -16.20 5.60
N LYS A 106 3.89 -15.78 6.86
CA LYS A 106 3.90 -16.75 7.96
C LYS A 106 2.75 -17.74 7.85
N THR A 107 1.55 -17.25 7.56
CA THR A 107 0.41 -18.15 7.40
C THR A 107 0.58 -19.03 6.17
N ALA A 108 1.13 -18.48 5.09
CA ALA A 108 1.31 -19.26 3.87
C ALA A 108 2.32 -20.39 4.06
N GLN A 109 3.44 -20.10 4.75
CA GLN A 109 4.45 -21.13 4.96
C GLN A 109 3.92 -22.24 5.86
N MET A 110 3.14 -21.88 6.87
CA MET A 110 2.57 -22.89 7.76
C MET A 110 1.58 -23.78 7.02
N TRP A 111 0.71 -23.16 6.21
CA TRP A 111 -0.22 -23.95 5.41
C TRP A 111 0.53 -24.89 4.48
N TYR A 112 1.66 -24.45 3.93
CA TYR A 112 2.45 -25.30 3.05
C TYR A 112 3.10 -26.43 3.84
N GLN A 113 3.70 -26.11 4.98
CA GLN A 113 4.31 -27.14 5.82
C GLN A 113 3.27 -28.17 6.25
N GLN A 114 2.04 -27.75 6.46
CA GLN A 114 0.96 -28.66 6.85
C GLN A 114 0.42 -29.47 5.66
N GLY A 115 0.97 -29.27 4.46
CA GLY A 115 0.61 -30.08 3.31
C GLY A 115 -0.39 -29.45 2.36
N PHE A 116 -0.93 -28.28 2.69
CA PHE A 116 -1.91 -27.64 1.82
C PHE A 116 -1.24 -27.08 0.58
N ARG A 117 -1.86 -27.31 -0.58
CA ARG A 117 -1.30 -26.90 -1.86
C ARG A 117 -2.29 -26.20 -2.77
N SER A 118 -3.55 -26.04 -2.34
CA SER A 118 -4.56 -25.40 -3.17
C SER A 118 -5.54 -24.65 -2.28
N LEU A 119 -6.31 -23.76 -2.91
CA LEU A 119 -7.38 -23.09 -2.17
C LEU A 119 -8.50 -24.05 -1.81
N GLU A 120 -8.64 -25.15 -2.55
CA GLU A 120 -9.56 -26.21 -2.15
C GLU A 120 -9.14 -26.82 -0.82
N ASP A 121 -7.83 -27.07 -0.65
CA ASP A 121 -7.33 -27.52 0.65
C ASP A 121 -7.62 -26.49 1.73
N ILE A 122 -7.32 -25.22 1.46
CA ILE A 122 -7.56 -24.17 2.44
C ILE A 122 -9.04 -24.13 2.83
N ARG A 123 -9.91 -24.14 1.83
CA ARG A 123 -11.34 -24.03 2.10
C ARG A 123 -11.85 -25.19 2.95
N SER A 124 -11.36 -26.40 2.67
CA SER A 124 -11.90 -27.59 3.31
C SER A 124 -11.20 -27.94 4.62
N GLN A 125 -9.90 -27.67 4.73
CA GLN A 125 -9.11 -28.16 5.85
C GLN A 125 -8.49 -27.06 6.72
N ALA A 126 -8.14 -25.91 6.16
CA ALA A 126 -7.41 -24.89 6.91
C ALA A 126 -8.31 -24.16 7.88
N SER A 127 -7.76 -23.84 9.05
N SER A 127 -7.77 -23.84 9.05
CA SER A 127 -8.45 -23.00 10.03
CA SER A 127 -8.46 -23.01 10.02
C SER A 127 -8.20 -21.55 9.66
C SER A 127 -8.21 -21.55 9.67
N LEU A 128 -9.26 -20.84 9.27
CA LEU A 128 -9.15 -19.48 8.76
C LEU A 128 -9.69 -18.49 9.79
N THR A 129 -9.02 -17.34 9.88
CA THR A 129 -9.53 -16.23 10.66
C THR A 129 -10.76 -15.63 9.97
N THR A 130 -11.51 -14.84 10.75
CA THR A 130 -12.67 -14.17 10.18
C THR A 130 -12.26 -13.34 8.96
N GLN A 131 -11.18 -12.57 9.09
CA GLN A 131 -10.70 -11.77 7.95
C GLN A 131 -10.33 -12.66 6.77
N GLN A 132 -9.64 -13.77 7.03
CA GLN A 132 -9.19 -14.64 5.96
C GLN A 132 -10.36 -15.31 5.25
N ALA A 133 -11.38 -15.71 6.00
CA ALA A 133 -12.55 -16.32 5.37
C ALA A 133 -13.22 -15.33 4.42
N ILE A 134 -13.22 -14.04 4.78
CA ILE A 134 -13.75 -13.02 3.87
C ILE A 134 -12.82 -12.87 2.68
N GLY A 135 -11.51 -12.96 2.90
CA GLY A 135 -10.57 -12.82 1.80
C GLY A 135 -10.69 -13.96 0.79
N LEU A 136 -10.80 -15.19 1.29
CA LEU A 136 -10.98 -16.34 0.39
C LEU A 136 -12.26 -16.21 -0.42
N LYS A 137 -13.36 -15.83 0.24
CA LYS A 137 -14.64 -15.66 -0.46
C LYS A 137 -14.51 -14.72 -1.64
N HIS A 138 -13.71 -13.65 -1.50
CA HIS A 138 -13.54 -12.64 -2.53
C HIS A 138 -12.17 -12.75 -3.20
N TYR A 139 -11.60 -13.95 -3.24
CA TYR A 139 -10.24 -14.12 -3.74
C TYR A 139 -10.06 -13.47 -5.10
N SER A 140 -10.94 -13.80 -6.05
CA SER A 140 -10.79 -13.29 -7.41
C SER A 140 -11.06 -11.80 -7.49
N ASP A 141 -12.06 -11.31 -6.74
CA ASP A 141 -12.43 -9.91 -6.84
C ASP A 141 -11.36 -9.00 -6.27
N PHE A 142 -10.78 -9.38 -5.13
CA PHE A 142 -9.77 -8.54 -4.49
C PHE A 142 -8.48 -8.46 -5.29
N LEU A 143 -8.29 -9.35 -6.27
CA LEU A 143 -7.14 -9.27 -7.15
C LEU A 143 -7.38 -8.38 -8.35
N GLU A 144 -8.64 -8.04 -8.62
CA GLU A 144 -9.00 -7.21 -9.76
C GLU A 144 -8.94 -5.74 -9.37
N ARG A 145 -8.40 -4.92 -10.26
CA ARG A 145 -8.53 -3.48 -10.12
C ARG A 145 -9.87 -3.03 -10.70
N MET A 146 -10.21 -1.77 -10.50
CA MET A 146 -11.48 -1.22 -10.91
C MET A 146 -11.26 0.03 -11.73
N PRO A 147 -12.22 0.39 -12.59
CA PRO A 147 -12.10 1.65 -13.32
C PRO A 147 -12.28 2.84 -12.40
N ARG A 148 -11.50 3.90 -12.66
CA ARG A 148 -11.60 5.15 -11.92
C ARG A 148 -13.06 5.56 -11.76
N GLU A 149 -13.86 5.33 -12.79
CA GLU A 149 -15.25 5.76 -12.78
C GLU A 149 -16.04 5.06 -11.68
N GLU A 150 -15.76 3.77 -11.45
CA GLU A 150 -16.42 3.05 -10.37
C GLU A 150 -15.96 3.56 -9.01
N ALA A 151 -14.67 3.86 -8.88
CA ALA A 151 -14.16 4.42 -7.63
C ALA A 151 -14.88 5.72 -7.29
N THR A 152 -15.20 6.53 -8.30
CA THR A 152 -15.95 7.76 -8.05
C THR A 152 -17.33 7.45 -7.47
N GLU A 153 -18.02 6.46 -8.02
CA GLU A 153 -19.33 6.09 -7.49
C GLU A 153 -19.23 5.66 -6.03
N ILE A 154 -18.14 4.99 -5.67
CA ILE A 154 -18.02 4.47 -4.31
C ILE A 154 -17.73 5.60 -3.33
N GLU A 155 -16.80 6.50 -3.68
CA GLU A 155 -16.56 7.67 -2.84
C GLU A 155 -17.85 8.45 -2.63
N GLN A 156 -18.53 8.79 -3.73
CA GLN A 156 -19.77 9.54 -3.63
C GLN A 156 -20.78 8.85 -2.72
N THR A 157 -20.82 7.52 -2.77
CA THR A 157 -21.74 6.78 -1.91
C THR A 157 -21.41 6.98 -0.44
N VAL A 158 -20.12 7.01 -0.11
CA VAL A 158 -19.72 7.23 1.29
C VAL A 158 -20.01 8.68 1.68
N GLN A 159 -19.64 9.63 0.82
CA GLN A 159 -19.84 11.04 1.13
C GLN A 159 -21.30 11.34 1.44
N LYS A 160 -22.20 10.98 0.52
CA LYS A 160 -23.61 11.26 0.73
C LYS A 160 -24.10 10.68 2.05
N ALA A 161 -23.68 9.47 2.39
CA ALA A 161 -24.08 8.87 3.65
C ALA A 161 -23.50 9.65 4.84
N ALA A 162 -22.27 10.15 4.69
CA ALA A 162 -21.65 10.90 5.77
C ALA A 162 -22.27 12.28 5.91
N GLN A 163 -22.32 13.03 4.80
CA GLN A 163 -22.87 14.38 4.82
C GLN A 163 -24.37 14.39 5.13
N ALA A 164 -25.01 13.23 5.19
CA ALA A 164 -26.43 13.18 5.58
C ALA A 164 -26.60 13.46 7.06
N PHE A 165 -25.74 12.91 7.90
CA PHE A 165 -25.83 13.14 9.34
C PHE A 165 -24.98 14.31 9.80
N ASN A 166 -24.08 14.83 8.96
CA ASN A 166 -23.39 16.09 9.25
C ASN A 166 -22.90 16.66 7.94
N SER A 167 -23.54 17.74 7.48
CA SER A 167 -23.19 18.34 6.19
C SER A 167 -21.81 18.98 6.21
N GLY A 168 -21.25 19.26 7.40
CA GLY A 168 -19.93 19.86 7.46
C GLY A 168 -18.79 18.92 7.21
N LEU A 169 -19.03 17.61 7.33
CA LEU A 169 -17.96 16.64 7.15
C LEU A 169 -17.32 16.77 5.78
N LEU A 170 -16.00 16.73 5.76
CA LEU A 170 -15.22 16.75 4.52
C LEU A 170 -14.80 15.32 4.20
N CYS A 171 -15.17 14.84 3.01
CA CYS A 171 -14.88 13.48 2.58
C CYS A 171 -14.05 13.55 1.30
N VAL A 172 -12.90 12.89 1.31
CA VAL A 172 -11.94 12.97 0.20
C VAL A 172 -11.48 11.56 -0.14
N ALA A 173 -11.57 11.20 -1.42
CA ALA A 173 -11.02 9.95 -1.92
C ALA A 173 -9.54 10.15 -2.19
N CYS A 174 -8.69 9.31 -1.59
CA CYS A 174 -7.25 9.44 -1.64
C CYS A 174 -6.65 8.30 -2.46
N GLY A 175 -5.46 7.85 -2.08
CA GLY A 175 -4.81 6.74 -2.74
C GLY A 175 -4.62 6.99 -4.23
N SER A 176 -4.54 5.88 -4.97
CA SER A 176 -4.32 5.96 -6.41
C SER A 176 -5.34 6.85 -7.11
N TYR A 177 -6.57 6.91 -6.58
CA TYR A 177 -7.59 7.77 -7.18
C TYR A 177 -7.13 9.23 -7.20
N ARG A 178 -6.76 9.76 -6.03
CA ARG A 178 -6.34 11.16 -5.97
C ARG A 178 -5.07 11.40 -6.77
N ARG A 179 -4.22 10.37 -6.93
CA ARG A 179 -3.04 10.48 -7.78
C ARG A 179 -3.39 10.41 -9.27
N GLY A 180 -4.67 10.34 -9.62
CA GLY A 180 -5.07 10.42 -11.00
C GLY A 180 -4.85 9.18 -11.82
N LYS A 181 -4.92 8.01 -11.21
CA LYS A 181 -4.72 6.76 -11.95
C LYS A 181 -6.01 6.34 -12.66
N ALA A 182 -5.84 5.58 -13.73
CA ALA A 182 -6.98 5.11 -14.51
C ALA A 182 -7.70 3.97 -13.83
N THR A 183 -6.97 3.15 -13.07
CA THR A 183 -7.55 2.04 -12.32
C THR A 183 -7.15 2.16 -10.85
N CYS A 184 -8.04 1.69 -9.98
CA CYS A 184 -7.80 1.69 -8.54
C CYS A 184 -7.96 0.27 -8.01
N GLY A 185 -7.01 -0.16 -7.19
CA GLY A 185 -7.13 -1.46 -6.55
C GLY A 185 -8.25 -1.50 -5.53
N ASP A 186 -8.49 -0.37 -4.86
CA ASP A 186 -9.54 -0.26 -3.85
C ASP A 186 -9.71 1.23 -3.55
N VAL A 187 -10.81 1.57 -2.90
CA VAL A 187 -11.18 2.95 -2.64
C VAL A 187 -10.73 3.32 -1.23
N ASP A 188 -10.06 4.48 -1.12
CA ASP A 188 -9.52 4.98 0.14
C ASP A 188 -10.12 6.34 0.42
N VAL A 189 -10.99 6.42 1.42
CA VAL A 189 -11.72 7.65 1.74
C VAL A 189 -11.21 8.22 3.05
N LEU A 190 -10.97 9.53 3.06
CA LEU A 190 -10.54 10.25 4.25
C LEU A 190 -11.65 11.20 4.67
N ILE A 191 -12.12 11.08 5.91
CA ILE A 191 -13.22 11.87 6.43
C ILE A 191 -12.70 12.69 7.61
N THR A 192 -13.05 13.98 7.63
CA THR A 192 -12.71 14.86 8.74
C THR A 192 -13.83 15.89 8.88
N HIS A 193 -13.63 16.82 9.82
CA HIS A 193 -14.58 17.92 10.00
C HIS A 193 -13.78 19.17 10.38
N PRO A 194 -13.99 20.30 9.68
CA PRO A 194 -13.18 21.49 9.97
C PRO A 194 -13.39 22.07 11.36
N ASP A 195 -14.48 21.71 12.03
CA ASP A 195 -14.73 22.23 13.38
C ASP A 195 -13.78 21.67 14.42
N GLY A 196 -12.96 20.67 14.04
CA GLY A 196 -11.99 20.10 14.96
C GLY A 196 -12.54 19.08 15.94
N ARG A 197 -13.85 18.89 15.99
CA ARG A 197 -14.45 17.98 16.98
C ARG A 197 -15.67 17.21 16.49
N SER A 198 -16.29 17.59 15.37
CA SER A 198 -17.54 16.97 14.94
C SER A 198 -17.32 15.64 14.23
N HIS A 199 -16.08 15.20 14.08
CA HIS A 199 -15.78 13.90 13.48
C HIS A 199 -15.94 12.75 14.47
N ARG A 200 -16.12 13.04 15.76
CA ARG A 200 -16.08 12.00 16.78
C ARG A 200 -17.35 11.15 16.74
N GLY A 201 -17.17 9.83 16.77
CA GLY A 201 -18.31 8.92 16.88
C GLY A 201 -19.23 8.89 15.68
N ILE A 202 -18.69 9.13 14.48
CA ILE A 202 -19.53 9.07 13.28
C ILE A 202 -19.59 7.66 12.71
N PHE A 203 -18.58 6.82 12.98
CA PHE A 203 -18.51 5.49 12.38
C PHE A 203 -19.78 4.70 12.64
N SER A 204 -20.22 4.65 13.91
CA SER A 204 -21.36 3.81 14.28
C SER A 204 -22.55 4.04 13.33
N ARG A 205 -22.83 5.29 12.99
CA ARG A 205 -23.97 5.60 12.13
C ARG A 205 -23.59 5.59 10.65
N LEU A 206 -22.39 6.08 10.31
CA LEU A 206 -21.94 6.01 8.92
C LEU A 206 -21.97 4.59 8.40
N LEU A 207 -21.38 3.66 9.14
CA LEU A 207 -21.31 2.28 8.70
C LEU A 207 -22.70 1.64 8.67
N ASP A 208 -23.53 1.92 9.68
CA ASP A 208 -24.87 1.37 9.70
C ASP A 208 -25.69 1.87 8.53
N SER A 209 -25.59 3.16 8.21
CA SER A 209 -26.25 3.71 7.04
C SER A 209 -25.82 2.97 5.78
N LEU A 210 -24.50 2.75 5.64
CA LEU A 210 -23.98 2.04 4.48
C LEU A 210 -24.36 0.57 4.47
N ARG A 211 -24.67 -0.01 5.64
CA ARG A 211 -25.08 -1.41 5.70
C ARG A 211 -26.53 -1.58 5.26
N GLN A 212 -27.43 -0.74 5.80
CA GLN A 212 -28.85 -0.89 5.53
C GLN A 212 -29.16 -0.85 4.04
N GLU A 213 -28.30 -0.20 3.26
CA GLU A 213 -28.53 -0.12 1.82
C GLU A 213 -28.08 -1.38 1.08
N GLY A 214 -27.23 -2.19 1.70
CA GLY A 214 -26.61 -3.30 1.01
C GLY A 214 -25.24 -2.98 0.44
N PHE A 215 -24.85 -1.70 0.42
CA PHE A 215 -23.55 -1.31 -0.10
C PHE A 215 -22.43 -2.02 0.64
N LEU A 216 -22.41 -1.93 1.96
CA LEU A 216 -21.38 -2.59 2.77
C LEU A 216 -21.75 -4.06 2.95
N THR A 217 -20.88 -4.96 2.51
CA THR A 217 -21.16 -6.39 2.52
C THR A 217 -20.40 -7.16 3.59
N ASP A 218 -19.18 -6.74 3.93
CA ASP A 218 -18.37 -7.42 4.94
C ASP A 218 -17.46 -6.41 5.61
N ASP A 219 -17.10 -6.69 6.85
CA ASP A 219 -16.17 -5.86 7.63
C ASP A 219 -14.91 -6.67 7.92
N LEU A 220 -13.76 -6.07 7.65
CA LEU A 220 -12.47 -6.67 7.95
C LEU A 220 -11.80 -6.05 9.16
N VAL A 221 -11.85 -4.72 9.27
CA VAL A 221 -11.25 -3.99 10.38
C VAL A 221 -12.21 -2.88 10.77
N LYS A 222 -12.44 -2.72 12.07
CA LYS A 222 -13.34 -1.69 12.60
C LYS A 222 -12.67 -1.06 13.81
N GLY A 223 -11.81 -0.07 13.55
CA GLY A 223 -11.11 0.65 14.60
C GLY A 223 -11.74 2.00 14.89
N GLU A 224 -11.19 2.66 15.91
CA GLU A 224 -11.68 3.99 16.26
C GLU A 224 -11.40 4.98 15.14
N THR A 225 -10.26 4.85 14.49
CA THR A 225 -9.91 5.71 13.41
C THR A 225 -9.98 5.08 12.00
N LYS A 226 -9.83 3.78 11.88
CA LYS A 226 -9.89 3.15 10.56
C LYS A 226 -10.91 2.06 10.41
N TYR A 227 -11.51 1.98 9.25
CA TYR A 227 -12.40 0.94 8.90
C TYR A 227 -11.93 0.40 7.57
N LEU A 228 -11.91 -0.90 7.46
CA LEU A 228 -11.56 -1.60 6.22
C LEU A 228 -12.59 -2.70 6.00
N GLY A 229 -13.22 -2.69 4.84
CA GLY A 229 -14.28 -3.64 4.57
C GLY A 229 -14.52 -3.83 3.10
N VAL A 230 -15.68 -4.42 2.79
CA VAL A 230 -16.04 -4.79 1.43
C VAL A 230 -17.34 -4.11 1.07
N CYS A 231 -17.43 -3.61 -0.17
CA CYS A 231 -18.64 -2.99 -0.67
C CYS A 231 -18.91 -3.48 -2.08
N ARG A 232 -20.17 -3.36 -2.49
CA ARG A 232 -20.57 -3.62 -3.87
C ARG A 232 -21.63 -2.62 -4.27
N LEU A 233 -21.40 -1.94 -5.39
CA LEU A 233 -22.36 -0.98 -5.89
C LEU A 233 -23.63 -1.70 -6.37
N PRO A 234 -24.76 -1.02 -6.38
CA PRO A 234 -26.01 -1.67 -6.75
C PRO A 234 -26.10 -1.96 -8.25
N GLY A 235 -26.92 -2.95 -8.59
CA GLY A 235 -27.24 -3.24 -9.96
C GLY A 235 -26.49 -4.44 -10.50
N PRO A 236 -26.64 -4.70 -11.80
CA PRO A 236 -25.99 -5.86 -12.40
C PRO A 236 -24.54 -5.56 -12.79
N GLY A 237 -23.78 -6.64 -12.98
CA GLY A 237 -22.43 -6.53 -13.47
C GLY A 237 -21.43 -5.94 -12.49
N ARG A 238 -21.74 -5.94 -11.21
CA ARG A 238 -20.89 -5.32 -10.19
C ARG A 238 -20.09 -6.37 -9.46
N ARG A 239 -18.84 -6.03 -9.14
CA ARG A 239 -17.95 -6.87 -8.36
C ARG A 239 -17.81 -6.30 -6.95
N HIS A 240 -17.46 -7.17 -6.00
CA HIS A 240 -17.15 -6.70 -4.67
C HIS A 240 -15.82 -5.97 -4.67
N ARG A 241 -15.77 -4.83 -3.97
CA ARG A 241 -14.60 -3.99 -3.95
C ARG A 241 -14.19 -3.69 -2.52
N ARG A 242 -12.88 -3.58 -2.31
CA ARG A 242 -12.34 -3.26 -1.00
C ARG A 242 -12.46 -1.77 -0.74
N LEU A 243 -12.85 -1.41 0.48
CA LEU A 243 -13.07 -0.02 0.87
C LEU A 243 -12.34 0.27 2.17
N ASP A 244 -11.57 1.35 2.18
CA ASP A 244 -10.89 1.83 3.37
C ASP A 244 -11.41 3.22 3.72
N ILE A 245 -11.75 3.43 4.99
CA ILE A 245 -12.21 4.72 5.48
C ILE A 245 -11.40 5.07 6.72
N ILE A 246 -10.90 6.30 6.77
CA ILE A 246 -10.13 6.80 7.90
C ILE A 246 -10.76 8.12 8.33
N VAL A 247 -11.15 8.20 9.60
CA VAL A 247 -11.67 9.43 10.20
C VAL A 247 -10.58 10.01 11.09
N VAL A 248 -10.25 11.28 10.88
CA VAL A 248 -9.13 11.90 11.59
C VAL A 248 -9.53 13.27 12.14
N PRO A 249 -8.89 13.73 13.21
CA PRO A 249 -9.08 15.13 13.62
C PRO A 249 -8.55 16.07 12.55
N TYR A 250 -9.15 17.25 12.48
CA TYR A 250 -8.80 18.26 11.49
C TYR A 250 -7.41 18.74 11.66
N SER A 251 -6.86 18.61 12.85
CA SER A 251 -5.49 19.02 13.12
C SER A 251 -4.45 18.20 12.37
N GLU A 252 -4.78 16.96 12.03
CA GLU A 252 -3.91 16.09 11.28
C GLU A 252 -4.37 15.92 9.83
N PHE A 253 -5.38 16.64 9.38
CA PHE A 253 -5.92 16.45 8.03
C PHE A 253 -4.82 16.44 6.97
N ALA A 254 -3.86 17.37 7.08
CA ALA A 254 -2.85 17.50 6.04
C ALA A 254 -1.94 16.29 6.00
N CYS A 255 -1.40 15.89 7.15
CA CYS A 255 -0.49 14.74 7.18
C CYS A 255 -1.22 13.45 6.83
N ALA A 256 -2.49 13.32 7.23
CA ALA A 256 -3.26 12.14 6.86
C ALA A 256 -3.52 12.11 5.35
N LEU A 257 -3.92 13.25 4.78
CA LEU A 257 -4.13 13.33 3.34
C LEU A 257 -2.86 12.96 2.59
N LEU A 258 -1.71 13.42 3.07
CA LEU A 258 -0.44 13.09 2.42
C LEU A 258 -0.17 11.59 2.53
N TYR A 259 -0.34 11.03 3.72
CA TYR A 259 -0.16 9.60 3.90
C TYR A 259 -1.11 8.81 2.99
N PHE A 260 -2.41 9.08 3.10
CA PHE A 260 -3.40 8.28 2.41
C PHE A 260 -3.38 8.48 0.90
N THR A 261 -2.80 9.59 0.42
CA THR A 261 -2.67 9.80 -1.01
C THR A 261 -1.50 8.99 -1.58
N GLY A 262 -0.41 8.87 -0.81
CA GLY A 262 0.68 8.01 -1.24
C GLY A 262 1.50 8.64 -2.35
N SER A 263 2.18 7.78 -3.12
CA SER A 263 2.15 6.33 -3.04
C SER A 263 2.89 5.81 -1.80
N ALA A 264 2.94 4.49 -1.66
CA ALA A 264 3.62 3.89 -0.52
C ALA A 264 5.12 4.15 -0.58
N HIS A 265 5.73 3.99 -1.76
CA HIS A 265 7.16 4.25 -1.88
C HIS A 265 7.46 5.73 -1.77
N PHE A 266 6.52 6.59 -2.17
CA PHE A 266 6.68 8.02 -1.94
C PHE A 266 6.67 8.35 -0.46
N ASN A 267 5.73 7.77 0.29
CA ASN A 267 5.68 7.99 1.72
C ASN A 267 6.96 7.54 2.41
N ARG A 268 7.47 6.36 2.02
CA ARG A 268 8.66 5.83 2.67
C ARG A 268 9.88 6.68 2.40
N SER A 269 10.01 7.20 1.18
CA SER A 269 11.14 8.06 0.86
C SER A 269 11.08 9.36 1.64
N MET A 270 9.90 9.99 1.67
CA MET A 270 9.74 11.22 2.42
CA MET A 270 9.74 11.23 2.43
C MET A 270 10.08 11.02 3.90
N ARG A 271 9.52 9.98 4.51
CA ARG A 271 9.76 9.72 5.92
C ARG A 271 11.25 9.45 6.18
N ALA A 272 11.93 8.80 5.24
CA ALA A 272 13.37 8.60 5.39
C ALA A 272 14.11 9.93 5.34
N LEU A 273 13.71 10.83 4.44
CA LEU A 273 14.32 12.16 4.40
C LEU A 273 14.13 12.88 5.72
N ALA A 274 12.89 12.89 6.25
CA ALA A 274 12.64 13.53 7.52
C ALA A 274 13.57 13.01 8.60
N LYS A 275 13.85 11.70 8.58
CA LYS A 275 14.72 11.11 9.59
C LYS A 275 16.13 11.70 9.52
N THR A 276 16.68 11.83 8.31
CA THR A 276 18.00 12.42 8.16
C THR A 276 18.04 13.83 8.73
N LYS A 277 16.98 14.60 8.51
CA LYS A 277 16.90 15.99 8.92
C LYS A 277 16.49 16.15 10.37
N GLY A 278 16.61 15.10 11.19
CA GLY A 278 16.22 15.20 12.58
C GLY A 278 14.73 15.36 12.79
N MET A 279 13.91 14.93 11.84
CA MET A 279 12.47 15.07 11.92
C MET A 279 11.80 13.71 11.76
N SER A 280 10.51 13.67 12.02
CA SER A 280 9.71 12.45 11.88
C SER A 280 8.37 12.80 11.29
N LEU A 281 8.01 12.14 10.20
CA LEU A 281 6.74 12.36 9.52
C LEU A 281 5.87 11.11 9.68
N SER A 282 4.61 11.32 10.07
CA SER A 282 3.66 10.23 10.24
C SER A 282 2.32 10.66 9.68
N GLU A 283 1.39 9.72 9.65
CA GLU A 283 0.01 10.04 9.28
C GLU A 283 -0.60 11.05 10.24
N HIS A 284 0.00 11.24 11.42
CA HIS A 284 -0.55 12.14 12.43
C HIS A 284 0.07 13.53 12.37
N ALA A 285 1.37 13.66 12.11
CA ALA A 285 2.03 14.95 12.19
C ALA A 285 3.46 14.83 11.67
N LEU A 286 4.07 16.00 11.42
CA LEU A 286 5.49 16.12 11.14
C LEU A 286 6.15 16.70 12.39
N SER A 287 7.01 15.92 13.02
CA SER A 287 7.63 16.30 14.29
C SER A 287 9.09 16.68 14.09
N THR A 288 9.55 17.60 14.93
CA THR A 288 10.94 18.07 14.91
C THR A 288 11.52 17.93 16.30
N ALA A 289 12.83 18.16 16.41
CA ALA A 289 13.56 17.94 17.66
C ALA A 289 13.41 16.50 18.14
N VAL A 290 13.31 15.57 17.19
CA VAL A 290 13.05 14.17 17.49
C VAL A 290 14.35 13.52 17.95
N VAL A 291 14.42 13.17 19.23
CA VAL A 291 15.58 12.46 19.76
C VAL A 291 15.51 11.00 19.34
N ARG A 292 16.60 10.48 18.80
CA ARG A 292 16.67 9.10 18.35
C ARG A 292 17.90 8.43 18.94
N ASN A 293 17.84 7.11 19.02
CA ASN A 293 18.84 6.31 19.71
C ASN A 293 19.77 5.62 18.71
N THR A 294 20.42 4.54 19.13
CA THR A 294 21.43 3.89 18.30
C THR A 294 20.80 3.24 17.07
N HIS A 295 19.77 2.42 17.27
CA HIS A 295 19.13 1.71 16.16
C HIS A 295 18.23 2.60 15.33
N GLY A 296 18.62 3.84 15.09
CA GLY A 296 17.73 4.78 14.41
C GLY A 296 16.36 4.82 15.05
N ALA A 297 16.31 4.70 16.37
CA ALA A 297 15.07 4.49 17.10
C ALA A 297 14.69 5.74 17.88
N LYS A 298 13.41 6.07 17.87
CA LYS A 298 12.91 7.29 18.51
C LYS A 298 12.74 7.02 20.01
N VAL A 299 13.76 7.39 20.79
CA VAL A 299 13.65 7.26 22.25
C VAL A 299 12.72 8.32 22.81
N GLY A 300 12.69 9.50 22.20
CA GLY A 300 11.83 10.57 22.65
C GLY A 300 11.28 11.38 21.49
N PRO A 301 10.01 11.76 21.56
CA PRO A 301 9.44 12.63 20.52
C PRO A 301 9.77 14.08 20.80
N GLY A 302 9.60 14.90 19.76
CA GLY A 302 9.87 16.31 19.88
C GLY A 302 8.63 17.18 19.72
N ARG A 303 8.74 18.21 18.89
CA ARG A 303 7.67 19.20 18.71
C ARG A 303 6.88 18.90 17.45
N VAL A 304 5.55 18.86 17.59
CA VAL A 304 4.69 18.78 16.41
C VAL A 304 4.80 20.11 15.66
N LEU A 305 5.14 20.02 14.39
CA LEU A 305 5.31 21.24 13.62
C LEU A 305 4.00 21.64 12.95
N PRO A 306 3.71 22.94 12.81
CA PRO A 306 2.48 23.36 12.14
C PRO A 306 2.45 22.88 10.70
N THR A 307 1.44 22.09 10.37
CA THR A 307 1.25 21.57 9.01
C THR A 307 -0.21 21.70 8.62
N PRO A 308 -0.69 22.93 8.42
CA PRO A 308 -2.08 23.10 7.96
C PRO A 308 -2.33 22.58 6.56
N THR A 309 -1.31 22.52 5.71
CA THR A 309 -1.47 22.10 4.33
C THR A 309 -0.36 21.12 3.96
N GLU A 310 -0.61 20.34 2.90
CA GLU A 310 0.42 19.44 2.39
C GLU A 310 1.67 20.22 2.00
N LYS A 311 1.50 21.39 1.40
CA LYS A 311 2.66 22.20 1.02
C LYS A 311 3.54 22.52 2.22
N ASP A 312 2.96 22.67 3.40
CA ASP A 312 3.76 22.98 4.59
C ASP A 312 4.74 21.85 4.89
N VAL A 313 4.30 20.60 4.74
CA VAL A 313 5.21 19.47 4.97
C VAL A 313 6.37 19.53 3.99
N PHE A 314 6.07 19.57 2.69
CA PHE A 314 7.11 19.73 1.68
C PHE A 314 8.04 20.87 2.05
N ARG A 315 7.48 22.04 2.36
CA ARG A 315 8.29 23.21 2.70
C ARG A 315 9.13 22.94 3.95
N LEU A 316 8.48 22.55 5.04
CA LEU A 316 9.21 22.30 6.28
C LEU A 316 10.30 21.25 6.12
N LEU A 317 10.19 20.41 5.09
CA LEU A 317 11.21 19.40 4.80
C LEU A 317 12.23 19.89 3.77
N GLY A 318 12.11 21.13 3.31
CA GLY A 318 13.03 21.65 2.30
C GLY A 318 12.81 21.04 0.93
N LEU A 319 11.56 20.75 0.57
CA LEU A 319 11.24 20.08 -0.68
C LEU A 319 10.28 20.93 -1.51
N PRO A 320 10.38 20.86 -2.84
CA PRO A 320 9.36 21.51 -3.67
C PRO A 320 8.06 20.72 -3.66
N TYR A 321 6.95 21.43 -3.67
CA TYR A 321 5.65 20.77 -3.64
C TYR A 321 5.49 19.87 -4.85
N ARG A 322 4.95 18.68 -4.62
CA ARG A 322 4.65 17.71 -5.68
C ARG A 322 3.16 17.46 -5.71
N GLU A 323 2.54 17.73 -6.85
CA GLU A 323 1.12 17.44 -7.00
C GLU A 323 0.90 15.93 -6.84
N PRO A 324 -0.28 15.51 -6.33
CA PRO A 324 -0.54 14.08 -6.13
C PRO A 324 -0.09 13.22 -7.30
N ALA A 325 -0.45 13.63 -8.52
CA ALA A 325 -0.05 12.86 -9.70
C ALA A 325 1.45 12.76 -9.83
N GLU A 326 2.20 13.66 -9.20
CA GLU A 326 3.66 13.62 -9.20
C GLU A 326 4.22 12.78 -8.06
N ARG A 327 3.36 12.08 -7.32
CA ARG A 327 3.77 11.25 -6.20
C ARG A 327 3.61 9.76 -6.50
N ASP A 328 3.34 9.40 -7.75
CA ASP A 328 3.04 8.01 -8.11
C ASP A 328 4.33 7.25 -8.37
N TRP A 329 5.09 7.05 -7.29
CA TRP A 329 6.37 6.35 -7.39
C TRP A 329 6.16 4.85 -7.19
#